data_6SCL
#
_entry.id   6SCL
#
_cell.length_a   1.00
_cell.length_b   1.00
_cell.length_c   1.00
_cell.angle_alpha   90.00
_cell.angle_beta   90.00
_cell.angle_gamma   90.00
#
_symmetry.space_group_name_H-M   'P 1'
#
_entity_poly.entity_id   1
_entity_poly.type   'polypeptide(L)'
_entity_poly.pdbx_seq_one_letter_code
;MNSVGRRGPRRANQNGTRRRRRRTVRPVVVVQPNRAGPRRRNGRRKGRGGANFVFRPTGGTEVFVFSVDNLKANSSGAIK
FGPSLSQCPALSDGILKSYHRYKITSIRVEFKSHASANTAGAIFIELDTACKQSALGSYINSFTISKTASKTFRSEAING
KEFQESTIDQFWMLYKANGTTTDTAGQFIITMSVSLMTAK
;
_entity_poly.pdbx_strand_id   A,C,B
#
# COMPACT_ATOMS: atom_id res chain seq x y z
N THR A 61 -8.66 9.53 -18.03
CA THR A 61 -8.06 10.59 -17.23
C THR A 61 -8.82 11.89 -17.46
N GLU A 62 -9.33 12.48 -16.37
CA GLU A 62 -10.11 13.74 -16.47
C GLU A 62 -9.54 14.78 -15.50
N VAL A 63 -9.98 16.03 -15.66
CA VAL A 63 -9.58 17.14 -14.82
C VAL A 63 -10.83 17.77 -14.21
N PHE A 64 -10.85 17.90 -12.90
CA PHE A 64 -11.96 18.52 -12.18
C PHE A 64 -11.50 19.83 -11.54
N VAL A 65 -12.34 20.85 -11.65
CA VAL A 65 -12.10 22.14 -11.01
C VAL A 65 -13.25 22.40 -10.05
N PHE A 66 -12.94 22.51 -8.76
CA PHE A 66 -13.96 22.78 -7.77
C PHE A 66 -13.46 23.86 -6.83
N SER A 67 -14.33 24.29 -5.92
CA SER A 67 -14.00 25.40 -5.05
C SER A 67 -14.38 25.09 -3.61
N VAL A 68 -13.52 25.53 -2.69
CA VAL A 68 -13.80 25.53 -1.27
C VAL A 68 -14.14 26.97 -0.89
N ASP A 69 -15.38 27.21 -0.52
CA ASP A 69 -15.96 28.54 -0.47
C ASP A 69 -16.13 29.01 0.97
N ASN A 70 -16.42 30.31 1.10
CA ASN A 70 -16.80 30.97 2.35
C ASN A 70 -15.73 30.79 3.43
N LEU A 71 -14.50 31.07 3.04
CA LEU A 71 -13.33 30.78 3.86
C LEU A 71 -13.04 32.00 4.71
N LYS A 72 -13.25 31.88 6.02
CA LYS A 72 -13.11 33.02 6.90
C LYS A 72 -11.64 33.17 7.30
N ALA A 73 -11.35 34.12 8.17
CA ALA A 73 -9.98 34.35 8.61
C ALA A 73 -9.60 33.49 9.81
N ASN A 74 -10.50 32.67 10.33
CA ASN A 74 -10.16 31.69 11.36
C ASN A 74 -10.64 30.30 10.98
N SER A 75 -10.81 30.04 9.69
CA SER A 75 -11.33 28.77 9.23
C SER A 75 -10.26 27.70 9.26
N SER A 76 -10.61 26.55 9.82
CA SER A 76 -9.76 25.36 9.77
C SER A 76 -10.61 24.19 9.33
N GLY A 77 -9.98 23.23 8.66
CA GLY A 77 -10.71 22.07 8.22
C GLY A 77 -9.82 21.14 7.44
N ALA A 78 -10.45 20.13 6.86
CA ALA A 78 -9.76 19.16 6.03
C ALA A 78 -10.58 18.93 4.76
N ILE A 79 -9.91 18.91 3.63
CA ILE A 79 -10.53 18.64 2.35
C ILE A 79 -10.11 17.23 1.98
N LYS A 80 -11.04 16.29 2.17
CA LYS A 80 -10.75 14.86 2.19
C LYS A 80 -10.95 14.30 0.79
N PHE A 81 -9.88 14.10 0.05
CA PHE A 81 -10.05 13.77 -1.37
C PHE A 81 -10.41 12.30 -1.53
N GLY A 82 -11.27 12.01 -2.49
CA GLY A 82 -11.75 10.67 -2.72
C GLY A 82 -13.25 10.61 -2.77
N PRO A 83 -13.83 9.52 -2.26
CA PRO A 83 -15.30 9.44 -2.19
C PRO A 83 -15.93 10.36 -1.17
N SER A 84 -15.16 10.86 -0.20
CA SER A 84 -15.68 11.79 0.79
C SER A 84 -15.38 13.24 0.43
N LEU A 85 -15.13 13.50 -0.84
CA LEU A 85 -14.75 14.84 -1.32
C LEU A 85 -16.03 15.55 -1.76
N SER A 86 -16.76 16.06 -0.78
CA SER A 86 -18.08 16.62 -1.00
C SER A 86 -18.07 17.96 -1.73
N GLN A 87 -16.91 18.61 -1.84
CA GLN A 87 -16.83 19.88 -2.54
C GLN A 87 -16.85 19.71 -4.06
N CYS A 88 -16.67 18.49 -4.57
CA CYS A 88 -16.82 18.19 -5.98
C CYS A 88 -17.70 16.94 -6.09
N PRO A 89 -19.01 17.10 -6.22
CA PRO A 89 -19.89 15.92 -6.38
C PRO A 89 -19.71 15.19 -7.70
N ALA A 90 -19.09 15.82 -8.69
CA ALA A 90 -18.76 15.16 -9.94
C ALA A 90 -17.71 14.07 -9.76
N LEU A 91 -16.90 14.14 -8.70
CA LEU A 91 -16.04 13.04 -8.32
C LEU A 91 -16.64 12.17 -7.23
N SER A 92 -17.20 12.79 -6.18
CA SER A 92 -17.71 12.04 -5.03
C SER A 92 -18.96 11.23 -5.39
N ASP A 93 -20.04 11.92 -5.77
CA ASP A 93 -21.28 11.27 -6.14
C ASP A 93 -21.40 11.14 -7.65
N GLY A 94 -20.28 10.97 -8.32
CA GLY A 94 -20.18 11.11 -9.75
C GLY A 94 -19.42 9.97 -10.36
N ILE A 95 -18.29 10.31 -10.99
CA ILE A 95 -17.53 9.36 -11.78
C ILE A 95 -16.90 8.24 -10.93
N LEU A 96 -16.72 8.44 -9.62
CA LEU A 96 -16.21 7.36 -8.79
C LEU A 96 -17.26 6.29 -8.51
N LYS A 97 -18.53 6.58 -8.76
CA LYS A 97 -19.54 5.55 -8.72
C LYS A 97 -19.54 4.67 -9.96
N SER A 98 -18.77 5.02 -10.99
CA SER A 98 -18.77 4.26 -12.22
C SER A 98 -17.41 3.66 -12.53
N TYR A 99 -16.51 3.58 -11.55
CA TYR A 99 -15.21 2.97 -11.74
C TYR A 99 -14.78 2.31 -10.43
N HIS A 100 -13.95 1.27 -10.54
CA HIS A 100 -13.42 0.63 -9.34
C HIS A 100 -12.21 1.37 -8.79
N ARG A 101 -11.20 1.61 -9.62
CA ARG A 101 -9.93 2.12 -9.17
C ARG A 101 -9.70 3.53 -9.69
N TYR A 102 -9.02 4.33 -8.89
CA TYR A 102 -8.71 5.71 -9.27
C TYR A 102 -7.40 6.12 -8.64
N LYS A 103 -6.80 7.17 -9.20
CA LYS A 103 -5.72 7.87 -8.52
C LYS A 103 -5.81 9.33 -8.91
N ILE A 104 -5.51 10.22 -7.96
CA ILE A 104 -5.46 11.64 -8.24
C ILE A 104 -4.01 11.99 -8.54
N THR A 105 -3.73 12.36 -9.79
CA THR A 105 -2.36 12.45 -10.26
C THR A 105 -1.67 13.71 -9.76
N SER A 106 -2.33 14.86 -9.82
CA SER A 106 -1.75 16.09 -9.29
C SER A 106 -2.89 17.02 -8.93
N ILE A 107 -2.67 17.86 -7.93
CA ILE A 107 -3.66 18.88 -7.59
C ILE A 107 -2.99 20.23 -7.62
N ARG A 108 -3.75 21.26 -7.94
CA ARG A 108 -3.28 22.64 -7.98
C ARG A 108 -4.28 23.44 -7.16
N VAL A 109 -3.91 23.78 -5.93
CA VAL A 109 -4.78 24.52 -5.04
C VAL A 109 -4.43 26.00 -5.16
N GLU A 110 -5.45 26.85 -5.29
CA GLU A 110 -5.27 28.28 -5.47
C GLU A 110 -6.05 29.02 -4.40
N PHE A 111 -5.40 29.95 -3.72
CA PHE A 111 -6.08 30.84 -2.80
C PHE A 111 -6.35 32.15 -3.51
N LYS A 112 -7.60 32.63 -3.43
CA LYS A 112 -8.10 33.70 -4.25
C LYS A 112 -8.23 35.04 -3.52
N SER A 113 -8.31 35.03 -2.20
CA SER A 113 -8.13 36.20 -1.33
C SER A 113 -9.16 37.30 -1.59
N HIS A 114 -10.41 37.00 -1.24
CA HIS A 114 -11.45 38.01 -1.25
C HIS A 114 -11.46 38.78 0.07
N ALA A 115 -10.34 39.36 0.45
CA ALA A 115 -10.18 39.97 1.76
C ALA A 115 -9.73 41.41 1.63
N SER A 116 -9.99 42.19 2.67
CA SER A 116 -9.45 43.53 2.73
C SER A 116 -7.96 43.47 3.04
N ALA A 117 -7.28 44.59 2.82
CA ALA A 117 -5.84 44.62 3.05
C ALA A 117 -5.46 44.70 4.51
N ASN A 118 -6.42 44.98 5.39
CA ASN A 118 -6.15 45.11 6.82
C ASN A 118 -6.31 43.81 7.59
N THR A 119 -6.72 42.72 6.93
CA THR A 119 -6.85 41.44 7.60
C THR A 119 -5.48 40.77 7.68
N ALA A 120 -5.04 40.46 8.89
CA ALA A 120 -3.77 39.79 9.11
C ALA A 120 -4.00 38.29 9.28
N GLY A 121 -2.98 37.52 8.93
CA GLY A 121 -3.05 36.08 9.07
C GLY A 121 -2.54 35.39 7.84
N ALA A 122 -2.37 34.07 7.92
CA ALA A 122 -1.94 33.28 6.76
C ALA A 122 -2.51 31.88 6.91
N ILE A 123 -3.29 31.45 5.95
CA ILE A 123 -3.89 30.12 5.99
C ILE A 123 -2.84 29.08 5.59
N PHE A 124 -2.78 27.98 6.34
CA PHE A 124 -1.74 26.98 6.21
C PHE A 124 -2.32 25.69 5.63
N ILE A 125 -1.51 25.04 4.79
CA ILE A 125 -1.89 23.87 4.02
C ILE A 125 -0.98 22.72 4.41
N GLU A 126 -1.55 21.55 4.63
CA GLU A 126 -0.75 20.38 5.00
C GLU A 126 -1.39 19.10 4.49
N LEU A 127 -0.59 18.32 3.76
CA LEU A 127 -1.03 17.09 3.14
C LEU A 127 -0.97 15.93 4.12
N ASP A 128 -2.05 15.16 4.20
CA ASP A 128 -2.15 13.99 5.06
C ASP A 128 -2.50 12.78 4.20
N THR A 129 -1.50 12.02 3.79
CA THR A 129 -1.79 10.83 3.01
C THR A 129 -2.05 9.61 3.88
N ALA A 130 -2.17 9.79 5.20
CA ALA A 130 -2.65 8.75 6.09
C ALA A 130 -4.16 8.77 6.25
N CYS A 131 -4.79 9.91 5.91
CA CYS A 131 -6.24 10.14 6.03
C CYS A 131 -6.73 9.97 7.47
N LYS A 132 -5.91 10.40 8.43
CA LYS A 132 -6.32 10.34 9.83
C LYS A 132 -5.97 11.55 10.68
N GLN A 133 -5.10 12.45 10.22
CA GLN A 133 -4.67 13.56 11.06
C GLN A 133 -5.77 14.62 11.17
N SER A 134 -6.04 15.06 12.38
CA SER A 134 -7.12 16.01 12.65
C SER A 134 -6.65 17.44 12.78
N ALA A 135 -5.73 17.73 13.69
CA ALA A 135 -5.17 19.06 13.83
C ALA A 135 -4.03 19.25 12.84
N LEU A 136 -3.67 20.50 12.60
CA LEU A 136 -2.74 20.79 11.51
C LEU A 136 -1.30 20.38 11.83
N GLY A 137 -0.64 21.09 12.75
CA GLY A 137 0.73 20.75 13.08
C GLY A 137 1.83 21.49 12.36
N SER A 138 1.90 21.42 11.03
CA SER A 138 3.01 22.00 10.28
C SER A 138 2.63 23.37 9.71
N TYR A 139 3.62 24.27 9.66
CA TYR A 139 3.37 25.66 9.30
C TYR A 139 4.32 26.14 8.20
N ILE A 140 4.81 25.24 7.36
CA ILE A 140 5.73 25.64 6.31
C ILE A 140 4.98 26.22 5.12
N ASN A 141 4.01 25.47 4.58
CA ASN A 141 3.22 25.95 3.46
C ASN A 141 2.14 26.91 3.96
N SER A 142 2.01 28.05 3.28
CA SER A 142 1.10 29.09 3.72
C SER A 142 0.73 29.98 2.56
N PHE A 143 -0.55 30.34 2.51
CA PHE A 143 -1.05 31.43 1.70
C PHE A 143 -1.26 32.62 2.61
N THR A 144 -0.79 33.79 2.22
CA THR A 144 -1.16 35.00 2.93
C THR A 144 -2.60 35.33 2.60
N ILE A 145 -3.37 35.71 3.63
CA ILE A 145 -4.81 35.96 3.48
C ILE A 145 -5.08 37.12 2.53
N SER A 146 -4.20 38.11 2.48
CA SER A 146 -4.43 39.27 1.64
C SER A 146 -3.78 39.15 0.26
N LYS A 147 -3.39 37.96 -0.18
CA LYS A 147 -2.75 37.81 -1.49
C LYS A 147 -3.24 36.55 -2.19
N THR A 148 -3.44 36.64 -3.50
CA THR A 148 -3.71 35.46 -4.31
C THR A 148 -2.42 34.69 -4.52
N ALA A 149 -2.50 33.36 -4.40
CA ALA A 149 -1.34 32.53 -4.69
C ALA A 149 -1.84 31.15 -5.07
N SER A 150 -0.91 30.29 -5.46
CA SER A 150 -1.24 28.92 -5.81
C SER A 150 -0.09 28.00 -5.47
N LYS A 151 -0.42 26.82 -4.96
CA LYS A 151 0.53 25.76 -4.68
C LYS A 151 0.14 24.54 -5.49
N THR A 152 1.12 23.91 -6.13
CA THR A 152 0.89 22.75 -6.96
C THR A 152 1.58 21.55 -6.34
N PHE A 153 0.84 20.45 -6.20
CA PHE A 153 1.33 19.24 -5.56
C PHE A 153 1.27 18.08 -6.55
N ARG A 154 2.42 17.45 -6.76
CA ARG A 154 2.59 16.36 -7.72
C ARG A 154 2.19 15.05 -7.07
N SER A 155 2.50 13.94 -7.76
CA SER A 155 1.91 12.64 -7.44
C SER A 155 2.51 11.99 -6.20
N GLU A 156 3.83 12.04 -6.04
CA GLU A 156 4.46 11.40 -4.90
C GLU A 156 4.17 12.12 -3.59
N ALA A 157 3.78 13.38 -3.65
CA ALA A 157 3.42 14.12 -2.45
C ALA A 157 2.01 13.78 -1.98
N ILE A 158 1.09 13.55 -2.91
CA ILE A 158 -0.31 13.37 -2.59
C ILE A 158 -0.72 11.90 -2.65
N ASN A 159 0.24 10.98 -2.62
CA ASN A 159 0.03 9.53 -2.72
C ASN A 159 -0.66 9.18 -4.05
N GLY A 160 -0.11 9.70 -5.14
CA GLY A 160 -0.77 9.59 -6.43
C GLY A 160 -0.04 8.77 -7.46
N LYS A 161 0.77 7.82 -7.00
CA LYS A 161 1.51 6.96 -7.91
C LYS A 161 0.73 5.70 -8.28
N GLU A 162 -0.08 5.19 -7.37
CA GLU A 162 -0.76 3.92 -7.55
C GLU A 162 -2.27 4.13 -7.49
N PHE A 163 -3.00 3.29 -8.22
CA PHE A 163 -4.44 3.26 -8.12
C PHE A 163 -4.86 2.71 -6.77
N GLN A 164 -6.06 3.08 -6.35
CA GLN A 164 -6.68 2.49 -5.18
C GLN A 164 -8.18 2.47 -5.43
N GLU A 165 -8.89 1.72 -4.62
CA GLU A 165 -10.32 1.53 -4.83
C GLU A 165 -11.10 2.80 -4.52
N SER A 166 -12.25 2.93 -5.18
CA SER A 166 -13.08 4.13 -5.09
C SER A 166 -13.85 4.23 -3.78
N THR A 167 -13.69 3.27 -2.88
CA THR A 167 -14.35 3.31 -1.59
C THR A 167 -13.50 4.02 -0.54
N ILE A 168 -12.18 4.05 -0.73
CA ILE A 168 -11.27 4.64 0.24
C ILE A 168 -10.74 5.97 -0.28
N ASP A 169 -10.44 6.87 0.65
CA ASP A 169 -9.82 8.15 0.33
C ASP A 169 -8.37 7.95 -0.07
N GLN A 170 -7.80 9.01 -0.63
CA GLN A 170 -6.39 9.01 -1.01
C GLN A 170 -5.55 9.86 -0.06
N PHE A 171 -5.92 11.11 0.13
CA PHE A 171 -5.21 11.98 1.05
C PHE A 171 -6.19 13.04 1.53
N TRP A 172 -5.76 13.78 2.54
CA TRP A 172 -6.50 14.93 3.04
C TRP A 172 -5.64 16.17 2.82
N MET A 173 -6.29 17.32 2.67
CA MET A 173 -5.58 18.59 2.66
C MET A 173 -6.11 19.40 3.83
N LEU A 174 -5.34 19.45 4.90
CA LEU A 174 -5.73 20.23 6.07
C LEU A 174 -5.36 21.69 5.85
N TYR A 175 -6.19 22.58 6.38
CA TYR A 175 -5.90 24.00 6.32
C TYR A 175 -6.29 24.63 7.65
N LYS A 176 -5.51 25.63 8.06
CA LYS A 176 -5.83 26.37 9.28
C LYS A 176 -5.47 27.83 9.06
N ALA A 177 -6.43 28.72 9.30
CA ALA A 177 -6.24 30.10 8.88
C ALA A 177 -5.34 30.89 9.82
N ASN A 178 -5.44 30.65 11.14
CA ASN A 178 -4.60 31.28 12.17
C ASN A 178 -4.63 32.81 12.13
N GLY A 179 -5.83 33.35 11.94
CA GLY A 179 -6.09 34.76 12.12
C GLY A 179 -7.03 34.95 13.31
N THR A 180 -7.16 36.21 13.71
CA THR A 180 -7.90 36.49 14.94
C THR A 180 -9.39 36.60 14.68
N THR A 181 -9.78 37.41 13.70
CA THR A 181 -11.18 37.72 13.48
C THR A 181 -11.83 36.67 12.58
N THR A 182 -13.16 36.75 12.51
CA THR A 182 -13.95 35.93 11.60
C THR A 182 -14.24 36.62 10.28
N ASP A 183 -13.38 37.54 9.87
CA ASP A 183 -13.55 38.26 8.62
C ASP A 183 -13.31 37.34 7.43
N THR A 184 -13.76 37.77 6.26
CA THR A 184 -13.63 36.95 5.07
C THR A 184 -12.18 36.91 4.61
N ALA A 185 -11.71 35.72 4.26
CA ALA A 185 -10.38 35.55 3.72
C ALA A 185 -10.37 35.32 2.23
N GLY A 186 -11.17 34.39 1.71
CA GLY A 186 -11.17 34.14 0.29
C GLY A 186 -11.82 32.82 -0.07
N GLN A 187 -11.21 32.09 -1.00
CA GLN A 187 -11.68 30.76 -1.36
C GLN A 187 -10.54 30.00 -2.00
N PHE A 188 -10.64 28.68 -2.00
CA PHE A 188 -9.74 27.84 -2.75
C PHE A 188 -10.38 27.48 -4.08
N ILE A 189 -9.61 27.55 -5.15
CA ILE A 189 -9.97 26.98 -6.44
C ILE A 189 -8.99 25.85 -6.68
N ILE A 190 -9.48 24.62 -6.60
CA ILE A 190 -8.65 23.42 -6.65
C ILE A 190 -8.87 22.74 -7.99
N THR A 191 -7.77 22.40 -8.66
CA THR A 191 -7.79 21.77 -9.97
C THR A 191 -7.06 20.44 -9.86
N MET A 192 -7.80 19.34 -9.84
CA MET A 192 -7.22 18.02 -9.68
C MET A 192 -7.32 17.22 -10.96
N SER A 193 -6.30 16.40 -11.21
CA SER A 193 -6.24 15.52 -12.36
C SER A 193 -6.35 14.09 -11.88
N VAL A 194 -7.44 13.42 -12.23
CA VAL A 194 -7.66 12.05 -11.80
C VAL A 194 -7.49 11.11 -12.99
N SER A 195 -7.10 9.88 -12.68
CA SER A 195 -7.07 8.78 -13.63
C SER A 195 -7.98 7.70 -13.12
N LEU A 196 -8.72 7.05 -14.02
CA LEU A 196 -9.67 5.98 -13.62
C LEU A 196 -9.32 4.70 -14.38
N MET A 197 -9.83 3.56 -13.90
CA MET A 197 -9.59 2.24 -14.55
C MET A 197 -10.55 1.20 -13.96
N THR A 198 -10.95 0.22 -14.77
CA THR A 198 -11.87 -0.89 -14.40
C THR A 198 -13.26 -0.34 -14.07
N ALA A 199 -14.12 -0.18 -15.08
CA ALA A 199 -15.45 0.38 -14.90
C ALA A 199 -16.29 -0.47 -13.96
N LYS A 200 -17.40 0.11 -13.53
CA LYS A 200 -18.25 -0.49 -12.52
C LYS A 200 -19.71 -0.15 -12.77
N PHE B 55 12.33 -23.66 -4.99
CA PHE B 55 11.96 -22.66 -4.00
C PHE B 55 13.16 -22.13 -3.25
N ARG B 56 13.79 -21.09 -3.80
CA ARG B 56 14.84 -20.40 -3.09
C ARG B 56 14.25 -19.66 -1.90
N PRO B 57 15.03 -19.51 -0.81
CA PRO B 57 14.49 -18.81 0.37
C PRO B 57 14.26 -17.32 0.15
N THR B 58 14.87 -16.73 -0.87
CA THR B 58 14.53 -15.35 -1.24
C THR B 58 13.19 -15.28 -1.96
N GLY B 59 12.70 -16.39 -2.49
CA GLY B 59 11.40 -16.44 -3.13
C GLY B 59 11.49 -16.86 -4.59
N GLY B 60 10.33 -17.22 -5.13
CA GLY B 60 10.24 -17.66 -6.50
C GLY B 60 8.88 -17.36 -7.10
N THR B 61 8.77 -17.61 -8.41
CA THR B 61 7.57 -17.38 -9.20
C THR B 61 7.04 -18.69 -9.72
N GLU B 62 5.77 -19.02 -9.42
CA GLU B 62 5.18 -20.24 -9.91
C GLU B 62 3.76 -20.00 -10.42
N VAL B 63 3.25 -20.99 -11.13
CA VAL B 63 1.96 -20.93 -11.81
C VAL B 63 1.05 -22.00 -11.24
N PHE B 64 -0.13 -21.61 -10.81
CA PHE B 64 -1.13 -22.53 -10.27
C PHE B 64 -2.34 -22.59 -11.20
N VAL B 65 -2.84 -23.79 -11.43
CA VAL B 65 -4.05 -24.00 -12.21
C VAL B 65 -5.06 -24.69 -11.30
N PHE B 66 -6.20 -24.03 -11.07
CA PHE B 66 -7.23 -24.61 -10.24
C PHE B 66 -8.57 -24.42 -10.92
N SER B 67 -9.62 -24.97 -10.32
CA SER B 67 -10.94 -24.95 -10.94
C SER B 67 -12.01 -24.57 -9.95
N VAL B 68 -12.96 -23.78 -10.41
CA VAL B 68 -14.19 -23.48 -9.67
C VAL B 68 -15.28 -24.31 -10.32
N ASP B 69 -15.80 -25.29 -9.57
CA ASP B 69 -16.58 -26.38 -10.11
C ASP B 69 -18.05 -26.22 -9.77
N ASN B 70 -18.87 -27.05 -10.43
CA ASN B 70 -20.30 -27.22 -10.16
C ASN B 70 -21.06 -25.90 -10.27
N LEU B 71 -20.82 -25.20 -11.37
CA LEU B 71 -21.27 -23.84 -11.56
C LEU B 71 -22.63 -23.91 -12.23
N LYS B 72 -23.68 -23.54 -11.52
CA LYS B 72 -25.04 -23.66 -12.05
C LYS B 72 -25.37 -22.43 -12.88
N ALA B 73 -26.59 -22.36 -13.38
CA ALA B 73 -27.01 -21.23 -14.19
C ALA B 73 -27.55 -20.07 -13.37
N ASN B 74 -27.59 -20.19 -12.04
CA ASN B 74 -27.93 -19.05 -11.19
C ASN B 74 -26.89 -18.89 -10.08
N SER B 75 -25.67 -19.35 -10.31
CA SER B 75 -24.64 -19.31 -9.29
C SER B 75 -24.02 -17.93 -9.20
N SER B 76 -23.91 -17.42 -7.98
CA SER B 76 -23.20 -16.19 -7.71
C SER B 76 -22.25 -16.44 -6.56
N GLY B 77 -21.14 -15.71 -6.54
CA GLY B 77 -20.19 -15.87 -5.47
C GLY B 77 -18.98 -15.00 -5.69
N ALA B 78 -17.98 -15.20 -4.84
CA ALA B 78 -16.72 -14.48 -4.91
C ALA B 78 -15.59 -15.47 -4.75
N ILE B 79 -14.58 -15.34 -5.59
CA ILE B 79 -13.40 -16.17 -5.53
C ILE B 79 -12.30 -15.28 -4.96
N LYS B 80 -12.01 -15.47 -3.67
CA LYS B 80 -11.25 -14.52 -2.86
C LYS B 80 -9.79 -14.93 -2.89
N PHE B 81 -8.99 -14.24 -3.71
CA PHE B 81 -7.63 -14.73 -3.93
C PHE B 81 -6.73 -14.34 -2.76
N GLY B 82 -5.81 -15.23 -2.42
CA GLY B 82 -4.93 -15.02 -1.30
C GLY B 82 -4.94 -16.21 -0.36
N PRO B 83 -4.83 -15.93 0.95
CA PRO B 83 -4.92 -17.03 1.93
C PRO B 83 -6.31 -17.61 2.08
N SER B 84 -7.35 -16.90 1.65
CA SER B 84 -8.72 -17.40 1.72
C SER B 84 -9.16 -18.01 0.40
N LEU B 85 -8.22 -18.41 -0.44
CA LEU B 85 -8.50 -18.95 -1.77
C LEU B 85 -8.57 -20.47 -1.66
N SER B 86 -9.72 -20.94 -1.17
CA SER B 86 -9.90 -22.35 -0.83
C SER B 86 -10.00 -23.26 -2.05
N GLN B 87 -10.19 -22.71 -3.24
CA GLN B 87 -10.27 -23.54 -4.44
C GLN B 87 -8.90 -24.02 -4.91
N CYS B 88 -7.82 -23.46 -4.38
CA CYS B 88 -6.46 -23.95 -4.63
C CYS B 88 -5.76 -24.05 -3.28
N PRO B 89 -5.79 -25.22 -2.64
CA PRO B 89 -5.09 -25.38 -1.35
C PRO B 89 -3.58 -25.36 -1.48
N ALA B 90 -3.05 -25.55 -2.69
CA ALA B 90 -1.61 -25.41 -2.91
C ALA B 90 -1.13 -23.98 -2.74
N LEU B 91 -2.02 -23.00 -2.87
CA LEU B 91 -1.70 -21.63 -2.49
C LEU B 91 -2.20 -21.28 -1.10
N SER B 92 -3.44 -21.65 -0.78
CA SER B 92 -4.03 -21.26 0.50
C SER B 92 -3.38 -21.97 1.67
N ASP B 93 -3.49 -23.29 1.73
CA ASP B 93 -2.89 -24.09 2.78
C ASP B 93 -1.55 -24.67 2.36
N GLY B 94 -0.84 -23.94 1.53
CA GLY B 94 0.30 -24.46 0.81
C GLY B 94 1.47 -23.51 0.88
N ILE B 95 1.89 -23.02 -0.29
CA ILE B 95 3.11 -22.24 -0.41
C ILE B 95 3.01 -20.88 0.30
N LEU B 96 1.81 -20.36 0.57
CA LEU B 96 1.70 -19.11 1.33
C LEU B 96 1.97 -19.31 2.81
N LYS B 97 1.96 -20.55 3.29
CA LYS B 97 2.42 -20.82 4.64
C LYS B 97 3.94 -20.85 4.76
N SER B 98 4.66 -20.79 3.64
CA SER B 98 6.12 -20.86 3.67
C SER B 98 6.77 -19.60 3.14
N TYR B 99 6.04 -18.49 3.03
CA TYR B 99 6.60 -17.23 2.57
C TYR B 99 5.86 -16.09 3.27
N HIS B 100 6.56 -14.96 3.43
CA HIS B 100 5.92 -13.79 4.02
C HIS B 100 5.12 -13.01 3.00
N ARG B 101 5.76 -12.63 1.90
CA ARG B 101 5.16 -11.71 0.94
C ARG B 101 4.88 -12.42 -0.38
N TYR B 102 3.81 -11.99 -1.04
CA TYR B 102 3.41 -12.56 -2.32
C TYR B 102 2.73 -11.50 -3.16
N LYS B 103 2.68 -11.76 -4.46
CA LYS B 103 1.80 -11.01 -5.33
C LYS B 103 1.33 -11.93 -6.44
N ILE B 104 0.09 -11.79 -6.86
CA ILE B 104 -0.44 -12.56 -7.98
C ILE B 104 -0.28 -11.70 -9.22
N THR B 105 0.60 -12.12 -10.13
CA THR B 105 1.01 -11.25 -11.23
C THR B 105 -0.05 -11.14 -12.31
N SER B 106 -0.64 -12.26 -12.72
CA SER B 106 -1.72 -12.22 -13.70
C SER B 106 -2.57 -13.45 -13.51
N ILE B 107 -3.86 -13.33 -13.84
CA ILE B 107 -4.74 -14.49 -13.80
C ILE B 107 -5.40 -14.63 -15.15
N ARG B 108 -5.70 -15.88 -15.50
CA ARG B 108 -6.36 -16.24 -16.78
C ARG B 108 -7.57 -17.11 -16.44
N VAL B 109 -8.76 -16.50 -16.36
CA VAL B 109 -9.95 -17.24 -15.99
C VAL B 109 -10.63 -17.73 -17.26
N GLU B 110 -11.02 -19.00 -17.27
CA GLU B 110 -11.62 -19.64 -18.43
C GLU B 110 -12.96 -20.24 -18.04
N PHE B 111 -14.00 -19.93 -18.81
CA PHE B 111 -15.28 -20.58 -18.64
C PHE B 111 -15.40 -21.70 -19.66
N LYS B 112 -15.79 -22.88 -19.18
CA LYS B 112 -15.69 -24.12 -19.95
C LYS B 112 -17.03 -24.61 -20.50
N SER B 113 -18.15 -24.19 -19.93
CA SER B 113 -19.50 -24.31 -20.50
C SER B 113 -19.91 -25.77 -20.72
N HIS B 114 -20.13 -26.47 -19.62
CA HIS B 114 -20.71 -27.80 -19.67
C HIS B 114 -22.23 -27.71 -19.68
N ALA B 115 -22.80 -26.97 -20.62
CA ALA B 115 -24.22 -26.67 -20.61
C ALA B 115 -24.85 -27.07 -21.94
N SER B 116 -26.17 -27.29 -21.90
CA SER B 116 -26.89 -27.50 -23.14
C SER B 116 -27.05 -26.18 -23.88
N ALA B 117 -27.42 -26.28 -25.16
CA ALA B 117 -27.54 -25.08 -25.97
C ALA B 117 -28.81 -24.29 -25.68
N ASN B 118 -29.75 -24.86 -24.93
CA ASN B 118 -31.01 -24.19 -24.63
C ASN B 118 -30.97 -23.40 -23.33
N THR B 119 -29.86 -23.42 -22.59
CA THR B 119 -29.76 -22.64 -21.37
C THR B 119 -29.39 -21.20 -21.73
N ALA B 120 -30.23 -20.26 -21.31
CA ALA B 120 -29.99 -18.84 -21.53
C ALA B 120 -29.34 -18.23 -20.31
N GLY B 121 -28.58 -17.17 -20.53
CA GLY B 121 -27.93 -16.46 -19.45
C GLY B 121 -26.49 -16.16 -19.77
N ALA B 122 -25.84 -15.35 -18.94
CA ALA B 122 -24.43 -15.04 -19.10
C ALA B 122 -23.84 -14.74 -17.75
N ILE B 123 -22.84 -15.49 -17.33
CA ILE B 123 -22.21 -15.28 -16.04
C ILE B 123 -21.25 -14.09 -16.13
N PHE B 124 -21.30 -13.23 -15.11
CA PHE B 124 -20.59 -11.96 -15.12
C PHE B 124 -19.45 -11.99 -14.12
N ILE B 125 -18.36 -11.33 -14.49
CA ILE B 125 -17.10 -11.34 -13.76
C ILE B 125 -16.77 -9.90 -13.37
N GLU B 126 -16.37 -9.69 -12.12
CA GLU B 126 -16.01 -8.36 -11.67
C GLU B 126 -14.93 -8.41 -10.61
N LEU B 127 -13.86 -7.66 -10.84
CA LEU B 127 -12.70 -7.63 -9.96
C LEU B 127 -12.92 -6.64 -8.83
N ASP B 128 -12.62 -7.08 -7.60
CA ASP B 128 -12.74 -6.27 -6.40
C ASP B 128 -11.39 -6.26 -5.70
N THR B 129 -10.57 -5.25 -5.94
CA THR B 129 -9.30 -5.16 -5.26
C THR B 129 -9.40 -4.45 -3.91
N ALA B 130 -10.61 -4.15 -3.45
CA ALA B 130 -10.84 -3.70 -2.09
C ALA B 130 -11.07 -4.84 -1.12
N CYS B 131 -11.44 -6.02 -1.65
CA CYS B 131 -11.74 -7.23 -0.88
C CYS B 131 -12.89 -7.01 0.11
N LYS B 132 -13.88 -6.23 -0.32
CA LYS B 132 -15.05 -6.02 0.53
C LYS B 132 -16.40 -6.03 -0.18
N GLN B 133 -16.44 -5.96 -1.52
CA GLN B 133 -17.72 -5.86 -2.21
C GLN B 133 -18.42 -7.21 -2.23
N SER B 134 -19.72 -7.20 -1.88
CA SER B 134 -20.50 -8.42 -1.76
C SER B 134 -21.34 -8.73 -3.00
N ALA B 135 -22.22 -7.81 -3.39
CA ALA B 135 -23.01 -7.97 -4.60
C ALA B 135 -22.21 -7.52 -5.81
N LEU B 136 -22.66 -7.94 -6.99
CA LEU B 136 -21.84 -7.75 -8.18
C LEU B 136 -21.81 -6.30 -8.65
N GLY B 137 -22.92 -5.79 -9.19
CA GLY B 137 -22.94 -4.42 -9.66
C GLY B 137 -22.68 -4.18 -11.14
N SER B 138 -21.51 -4.57 -11.64
CA SER B 138 -21.12 -4.27 -13.01
C SER B 138 -21.39 -5.44 -13.95
N TYR B 139 -21.77 -5.13 -15.19
CA TYR B 139 -22.22 -6.15 -16.14
C TYR B 139 -21.50 -6.04 -17.47
N ILE B 140 -20.28 -5.52 -17.49
CA ILE B 140 -19.55 -5.37 -18.74
C ILE B 140 -18.89 -6.69 -19.14
N ASN B 141 -18.10 -7.27 -18.25
CA ASN B 141 -17.45 -8.54 -18.53
C ASN B 141 -18.44 -9.68 -18.34
N SER B 142 -18.48 -10.59 -19.31
CA SER B 142 -19.46 -11.67 -19.29
C SER B 142 -18.96 -12.83 -20.12
N PHE B 143 -19.19 -14.03 -19.61
CA PHE B 143 -19.11 -15.27 -20.37
C PHE B 143 -20.54 -15.68 -20.70
N THR B 144 -20.79 -16.03 -21.96
CA THR B 144 -22.07 -16.66 -22.27
C THR B 144 -22.05 -18.09 -21.74
N ILE B 145 -23.16 -18.51 -21.13
CA ILE B 145 -23.24 -19.82 -20.47
C ILE B 145 -23.07 -20.96 -21.48
N SER B 146 -23.51 -20.77 -22.71
CA SER B 146 -23.42 -21.82 -23.71
C SER B 146 -22.17 -21.77 -24.57
N LYS B 147 -21.13 -21.03 -24.16
CA LYS B 147 -19.92 -20.91 -24.95
C LYS B 147 -18.68 -20.93 -24.07
N THR B 148 -17.63 -21.61 -24.53
CA THR B 148 -16.34 -21.54 -23.86
C THR B 148 -15.67 -20.22 -24.20
N ALA B 149 -15.08 -19.58 -23.20
CA ALA B 149 -14.33 -18.37 -23.46
C ALA B 149 -13.30 -18.21 -22.35
N SER B 150 -12.45 -17.18 -22.48
CA SER B 150 -11.45 -16.91 -21.47
C SER B 150 -11.18 -15.42 -21.41
N LYS B 151 -11.00 -14.92 -20.20
CA LYS B 151 -10.62 -13.53 -19.95
C LYS B 151 -9.31 -13.53 -19.18
N THR B 152 -8.38 -12.67 -19.60
CA THR B 152 -7.07 -12.58 -18.99
C THR B 152 -6.93 -11.22 -18.34
N PHE B 153 -6.49 -11.21 -17.09
CA PHE B 153 -6.36 -9.99 -16.30
C PHE B 153 -4.92 -9.82 -15.87
N ARG B 154 -4.33 -8.68 -16.22
CA ARG B 154 -2.94 -8.36 -15.94
C ARG B 154 -2.80 -7.78 -14.53
N SER B 155 -1.62 -7.25 -14.23
CA SER B 155 -1.22 -6.95 -12.86
C SER B 155 -1.90 -5.70 -12.30
N GLU B 156 -1.98 -4.63 -13.08
CA GLU B 156 -2.57 -3.40 -12.58
C GLU B 156 -4.08 -3.51 -12.37
N ALA B 157 -4.72 -4.46 -13.04
CA ALA B 157 -6.15 -4.67 -12.85
C ALA B 157 -6.44 -5.44 -11.56
N ILE B 158 -5.58 -6.40 -11.21
CA ILE B 158 -5.84 -7.30 -10.10
C ILE B 158 -5.03 -6.92 -8.85
N ASN B 159 -4.51 -5.68 -8.81
CA ASN B 159 -3.67 -5.17 -7.72
C ASN B 159 -2.40 -6.03 -7.58
N GLY B 160 -1.72 -6.25 -8.71
CA GLY B 160 -0.61 -7.18 -8.73
C GLY B 160 0.74 -6.58 -9.01
N LYS B 161 0.90 -5.30 -8.69
CA LYS B 161 2.18 -4.63 -8.89
C LYS B 161 3.11 -4.76 -7.71
N GLU B 162 2.57 -4.80 -6.50
CA GLU B 162 3.36 -4.78 -5.28
C GLU B 162 3.11 -6.05 -4.48
N PHE B 163 4.13 -6.48 -3.75
CA PHE B 163 3.98 -7.57 -2.80
C PHE B 163 3.11 -7.12 -1.63
N GLN B 164 2.49 -8.10 -0.98
CA GLN B 164 1.78 -7.89 0.25
C GLN B 164 1.92 -9.14 1.08
N GLU B 165 1.59 -9.04 2.36
CA GLU B 165 1.80 -10.14 3.27
C GLU B 165 0.81 -11.28 3.01
N SER B 166 1.24 -12.48 3.36
CA SER B 166 0.49 -13.71 3.08
C SER B 166 -0.72 -13.89 4.00
N THR B 167 -0.97 -12.95 4.91
CA THR B 167 -2.12 -13.02 5.79
C THR B 167 -3.34 -12.32 5.19
N ILE B 168 -3.12 -11.37 4.29
CA ILE B 168 -4.20 -10.59 3.71
C ILE B 168 -4.44 -11.02 2.27
N ASP B 169 -5.69 -10.89 1.84
CA ASP B 169 -6.06 -11.15 0.46
C ASP B 169 -5.54 -10.05 -0.46
N GLN B 170 -5.59 -10.33 -1.76
CA GLN B 170 -5.20 -9.36 -2.76
C GLN B 170 -6.39 -8.77 -3.50
N PHE B 171 -7.25 -9.60 -4.06
CA PHE B 171 -8.46 -9.14 -4.71
C PHE B 171 -9.47 -10.26 -4.66
N TRP B 172 -10.70 -9.93 -5.03
CA TRP B 172 -11.77 -10.91 -5.18
C TRP B 172 -12.20 -10.91 -6.63
N MET B 173 -12.72 -12.05 -7.09
CA MET B 173 -13.34 -12.12 -8.40
C MET B 173 -14.79 -12.52 -8.17
N LEU B 174 -15.69 -11.55 -8.26
CA LEU B 174 -17.11 -11.81 -8.10
C LEU B 174 -17.68 -12.32 -9.41
N TYR B 175 -18.65 -13.22 -9.32
CA TYR B 175 -19.34 -13.73 -10.48
C TYR B 175 -20.82 -13.86 -10.16
N LYS B 176 -21.65 -13.59 -11.16
CA LYS B 176 -23.09 -13.76 -11.00
C LYS B 176 -23.66 -14.28 -12.30
N ALA B 177 -24.24 -15.48 -12.24
CA ALA B 177 -24.76 -16.23 -13.42
C ALA B 177 -25.75 -15.44 -14.26
N ASN B 178 -26.76 -14.84 -13.64
CA ASN B 178 -27.83 -14.10 -14.38
C ASN B 178 -28.53 -15.11 -15.30
N GLY B 179 -29.13 -16.14 -14.67
CA GLY B 179 -29.87 -17.20 -15.36
C GLY B 179 -31.11 -17.52 -14.55
N THR B 180 -32.15 -18.07 -15.20
CA THR B 180 -33.38 -18.35 -14.46
C THR B 180 -33.30 -19.68 -13.72
N THR B 181 -32.93 -20.74 -14.43
CA THR B 181 -32.98 -22.08 -13.87
C THR B 181 -31.70 -22.41 -13.10
N THR B 182 -31.76 -23.51 -12.37
CA THR B 182 -30.59 -24.05 -11.67
C THR B 182 -29.87 -25.11 -12.49
N ASP B 183 -29.95 -25.03 -13.82
CA ASP B 183 -29.30 -25.98 -14.70
C ASP B 183 -27.79 -25.77 -14.68
N THR B 184 -27.05 -26.77 -15.16
CA THR B 184 -25.61 -26.69 -15.14
C THR B 184 -25.12 -25.69 -16.17
N ALA B 185 -24.16 -24.87 -15.78
CA ALA B 185 -23.53 -23.93 -16.69
C ALA B 185 -22.15 -24.35 -17.13
N GLY B 186 -21.27 -24.71 -16.20
CA GLY B 186 -19.93 -25.10 -16.58
C GLY B 186 -18.97 -25.10 -15.42
N GLN B 187 -17.76 -24.59 -15.65
CA GLN B 187 -16.77 -24.43 -14.60
C GLN B 187 -15.76 -23.39 -15.04
N PHE B 188 -15.07 -22.82 -14.06
CA PHE B 188 -13.92 -21.96 -14.32
C PHE B 188 -12.65 -22.77 -14.21
N ILE B 189 -11.74 -22.59 -15.15
CA ILE B 189 -10.37 -23.06 -15.05
C ILE B 189 -9.51 -21.81 -14.97
N ILE B 190 -8.94 -21.56 -13.79
CA ILE B 190 -8.23 -20.32 -13.50
C ILE B 190 -6.75 -20.64 -13.41
N THR B 191 -5.94 -19.87 -14.11
CA THR B 191 -4.49 -20.05 -14.18
C THR B 191 -3.84 -18.77 -13.68
N MET B 192 -3.32 -18.80 -12.45
CA MET B 192 -2.72 -17.63 -11.85
C MET B 192 -1.21 -17.77 -11.73
N SER B 193 -0.51 -16.65 -11.90
CA SER B 193 0.94 -16.60 -11.79
C SER B 193 1.29 -15.80 -10.54
N VAL B 194 1.87 -16.45 -9.55
CA VAL B 194 2.23 -15.79 -8.30
C VAL B 194 3.74 -15.63 -8.24
N SER B 195 4.16 -14.61 -7.51
CA SER B 195 5.55 -14.38 -7.15
C SER B 195 5.64 -14.37 -5.64
N LEU B 196 6.72 -14.94 -5.10
CA LEU B 196 6.87 -15.10 -3.67
C LEU B 196 8.13 -14.36 -3.21
N MET B 197 8.09 -13.80 -2.00
CA MET B 197 9.25 -13.03 -1.46
C MET B 197 9.35 -13.24 0.05
N THR B 198 10.57 -13.57 0.53
CA THR B 198 10.97 -13.79 1.95
C THR B 198 10.43 -15.11 2.49
N ALA B 199 11.32 -16.03 2.85
CA ALA B 199 10.93 -17.37 3.37
C ALA B 199 10.36 -17.25 4.77
N LYS B 200 9.50 -18.20 5.17
CA LYS B 200 8.93 -18.20 6.50
C LYS B 200 8.88 -19.61 7.06
N THR C 61 17.19 12.34 -1.39
CA THR C 61 17.68 11.00 -1.08
C THR C 61 19.00 11.08 -0.34
N GLU C 62 19.09 10.48 0.85
CA GLU C 62 20.33 10.49 1.60
C GLU C 62 20.63 9.13 2.18
N VAL C 63 21.86 8.96 2.66
CA VAL C 63 22.39 7.70 3.15
C VAL C 63 22.78 7.88 4.60
N PHE C 64 22.27 7.00 5.46
CA PHE C 64 22.59 7.01 6.89
C PHE C 64 23.37 5.76 7.25
N VAL C 65 24.40 5.94 8.07
CA VAL C 65 25.19 4.83 8.60
C VAL C 65 25.08 4.88 10.12
N PHE C 66 24.53 3.82 10.69
CA PHE C 66 24.40 3.75 12.15
C PHE C 66 24.84 2.37 12.61
N SER C 67 24.86 2.18 13.92
CA SER C 67 25.39 0.96 14.49
C SER C 67 24.47 0.41 15.57
N VAL C 68 24.32 -0.90 15.60
CA VAL C 68 23.67 -1.62 16.68
C VAL C 68 24.78 -2.25 17.52
N ASP C 69 24.95 -1.76 18.75
CA ASP C 69 26.15 -1.98 19.53
C ASP C 69 25.88 -2.98 20.65
N ASN C 70 26.98 -3.42 21.27
CA ASN C 70 26.99 -4.23 22.49
C ASN C 70 26.21 -5.54 22.31
N LEU C 71 26.52 -6.21 21.22
CA LEU C 71 25.74 -7.36 20.76
C LEU C 71 26.38 -8.60 21.37
N LYS C 72 25.67 -9.23 22.30
CA LYS C 72 26.23 -10.38 23.02
C LYS C 72 26.00 -11.64 22.20
N ALA C 73 26.39 -12.79 22.74
CA ALA C 73 26.23 -14.06 22.04
C ALA C 73 24.87 -14.69 22.28
N ASN C 74 24.00 -14.07 23.08
CA ASN C 74 22.63 -14.53 23.20
C ASN C 74 21.63 -13.40 23.00
N SER C 75 22.05 -12.37 22.27
CA SER C 75 21.22 -11.19 22.07
C SER C 75 20.15 -11.46 21.02
N SER C 76 18.91 -11.10 21.34
CA SER C 76 17.82 -11.11 20.39
C SER C 76 17.10 -9.78 20.46
N GLY C 77 16.51 -9.37 19.35
CA GLY C 77 15.79 -8.12 19.34
C GLY C 77 15.26 -7.81 17.97
N ALA C 78 14.73 -6.61 17.83
CA ALA C 78 14.20 -6.13 16.56
C ALA C 78 14.69 -4.71 16.35
N ILE C 79 15.14 -4.43 15.14
CA ILE C 79 15.59 -3.10 14.75
C ILE C 79 14.49 -2.54 13.88
N LYS C 80 13.67 -1.66 14.45
CA LYS C 80 12.38 -1.26 13.89
C LYS C 80 12.59 -0.01 13.06
N PHE C 81 12.66 -0.15 11.74
CA PHE C 81 13.07 0.99 10.92
C PHE C 81 11.89 1.94 10.74
N GLY C 82 12.20 3.23 10.72
CA GLY C 82 11.19 4.25 10.60
C GLY C 82 11.32 5.30 11.68
N PRO C 83 10.18 5.82 12.17
CA PRO C 83 10.24 6.76 13.28
C PRO C 83 10.62 6.13 14.62
N SER C 84 10.51 4.83 14.75
CA SER C 84 10.90 4.14 15.97
C SER C 84 12.30 3.56 15.89
N LEU C 85 13.13 4.08 14.99
CA LEU C 85 14.47 3.57 14.74
C LEU C 85 15.44 4.38 15.59
N SER C 86 15.49 4.02 16.87
CA SER C 86 16.23 4.79 17.87
C SER C 86 17.74 4.66 17.74
N GLN C 87 18.23 3.70 16.96
CA GLN C 87 19.67 3.56 16.80
C GLN C 87 20.25 4.59 15.84
N CYS C 88 19.41 5.31 15.09
CA CYS C 88 19.83 6.44 14.26
C CYS C 88 18.89 7.59 14.54
N PRO C 89 19.24 8.48 15.49
CA PRO C 89 18.38 9.63 15.75
C PRO C 89 18.36 10.65 14.64
N ALA C 90 19.32 10.62 13.71
CA ALA C 90 19.29 11.47 12.54
C ALA C 90 18.14 11.13 11.60
N LEU C 91 17.63 9.91 11.65
CA LEU C 91 16.38 9.57 10.97
C LEU C 91 15.17 9.65 11.88
N SER C 92 15.27 9.10 13.09
CA SER C 92 14.12 9.02 14.00
C SER C 92 13.72 10.40 14.51
N ASP C 93 14.61 11.05 15.27
CA ASP C 93 14.36 12.38 15.81
C ASP C 93 14.97 13.46 14.94
N GLY C 94 15.03 13.21 13.64
CA GLY C 94 15.82 13.99 12.73
C GLY C 94 15.05 14.36 11.49
N ILE C 95 15.52 13.88 10.34
CA ILE C 95 14.99 14.27 9.06
C ILE C 95 13.55 13.80 8.83
N LEU C 96 13.07 12.78 9.55
CA LEU C 96 11.68 12.38 9.42
C LEU C 96 10.72 13.34 10.11
N LYS C 97 11.22 14.20 10.98
CA LYS C 97 10.42 15.28 11.52
C LYS C 97 10.25 16.43 10.54
N SER C 98 10.96 16.43 9.42
CA SER C 98 10.89 17.52 8.46
C SER C 98 10.36 17.09 7.11
N TYR C 99 9.73 15.92 7.01
CA TYR C 99 9.15 15.44 5.77
C TYR C 99 7.91 14.62 6.09
N HIS C 100 6.97 14.59 5.14
CA HIS C 100 5.78 13.76 5.33
C HIS C 100 6.03 12.32 4.95
N ARG C 101 6.53 12.08 3.74
CA ARG C 101 6.62 10.75 3.18
C ARG C 101 8.08 10.33 3.03
N TYR C 102 8.33 9.03 3.22
CA TYR C 102 9.68 8.49 3.08
C TYR C 102 9.60 7.07 2.59
N LYS C 103 10.71 6.58 2.06
CA LYS C 103 10.89 5.15 1.84
C LYS C 103 12.36 4.83 2.02
N ILE C 104 12.64 3.67 2.59
CA ILE C 104 14.01 3.21 2.74
C ILE C 104 14.31 2.30 1.55
N THR C 105 15.20 2.76 0.67
CA THR C 105 15.36 2.12 -0.63
C THR C 105 16.14 0.81 -0.53
N SER C 106 17.25 0.79 0.20
CA SER C 106 17.99 -0.44 0.41
C SER C 106 18.76 -0.32 1.71
N ILE C 107 19.00 -1.44 2.36
CA ILE C 107 19.82 -1.44 3.57
C ILE C 107 20.94 -2.44 3.37
N ARG C 108 22.08 -2.16 4.01
CA ARG C 108 23.26 -3.04 3.96
C ARG C 108 23.67 -3.24 5.41
N VAL C 109 23.33 -4.39 5.97
CA VAL C 109 23.64 -4.70 7.35
C VAL C 109 24.95 -5.49 7.39
N GLU C 110 25.85 -5.09 8.27
CA GLU C 110 27.17 -5.70 8.38
C GLU C 110 27.40 -6.18 9.81
N PHE C 111 27.80 -7.42 9.96
CA PHE C 111 28.22 -7.93 11.26
C PHE C 111 29.73 -7.86 11.34
N LYS C 112 30.22 -7.31 12.45
CA LYS C 112 31.62 -6.92 12.58
C LYS C 112 32.45 -7.85 13.46
N SER C 113 31.82 -8.64 14.33
CA SER C 113 32.40 -9.80 15.02
C SER C 113 33.60 -9.42 15.90
N HIS C 114 33.29 -8.71 16.98
CA HIS C 114 34.29 -8.45 18.01
C HIS C 114 34.33 -9.58 19.01
N ALA C 115 34.54 -10.81 18.55
CA ALA C 115 34.43 -12.00 19.37
C ALA C 115 35.71 -12.82 19.31
N SER C 116 35.91 -13.63 20.34
CA SER C 116 37.00 -14.59 20.29
C SER C 116 36.63 -15.74 19.36
N ALA C 117 37.64 -16.51 18.98
CA ALA C 117 37.42 -17.61 18.04
C ALA C 117 36.74 -18.80 18.69
N ASN C 118 36.66 -18.85 20.01
CA ASN C 118 36.06 -19.97 20.72
C ASN C 118 34.58 -19.81 20.99
N THR C 119 33.99 -18.67 20.63
CA THR C 119 32.56 -18.46 20.82
C THR C 119 31.80 -19.12 19.68
N ALA C 120 30.91 -20.04 20.02
CA ALA C 120 30.08 -20.72 19.04
C ALA C 120 28.72 -20.04 18.94
N GLY C 121 28.11 -20.17 17.77
CA GLY C 121 26.79 -19.59 17.56
C GLY C 121 26.72 -18.86 16.24
N ALA C 122 25.52 -18.46 15.84
CA ALA C 122 25.34 -17.68 14.62
C ALA C 122 24.10 -16.82 14.79
N ILE C 123 24.26 -15.50 14.68
CA ILE C 123 23.15 -14.59 14.83
C ILE C 123 22.32 -14.58 13.54
N PHE C 124 21.01 -14.62 13.69
CA PHE C 124 20.08 -14.79 12.58
C PHE C 124 19.30 -13.51 12.34
N ILE C 125 19.05 -13.24 11.06
CA ILE C 125 18.43 -12.00 10.58
C ILE C 125 17.15 -12.36 9.85
N GLU C 126 16.08 -11.63 10.13
CA GLU C 126 14.81 -11.88 9.48
C GLU C 126 14.00 -10.60 9.32
N LEU C 127 13.59 -10.34 8.08
CA LEU C 127 12.86 -9.13 7.74
C LEU C 127 11.37 -9.30 8.01
N ASP C 128 10.77 -8.32 8.67
CA ASP C 128 9.35 -8.31 8.99
C ASP C 128 8.75 -7.03 8.43
N THR C 129 8.18 -7.09 7.24
CA THR C 129 7.54 -5.91 6.68
C THR C 129 6.08 -5.77 7.12
N ALA C 130 5.63 -6.59 8.05
CA ALA C 130 4.34 -6.40 8.71
C ALA C 130 4.45 -5.53 9.95
N CYS C 131 5.66 -5.39 10.49
CA CYS C 131 5.96 -4.61 11.70
C CYS C 131 5.18 -5.13 12.92
N LYS C 132 5.01 -6.44 13.00
CA LYS C 132 4.33 -7.03 14.15
C LYS C 132 4.94 -8.30 14.70
N GLN C 133 5.86 -8.97 14.00
CA GLN C 133 6.37 -10.25 14.47
C GLN C 133 7.37 -10.05 15.60
N SER C 134 7.20 -10.82 16.67
CA SER C 134 8.00 -10.68 17.88
C SER C 134 9.15 -11.68 17.95
N ALA C 135 8.87 -12.97 17.89
CA ALA C 135 9.90 -13.99 17.88
C ALA C 135 10.41 -14.19 16.47
N LEU C 136 11.58 -14.82 16.35
CA LEU C 136 12.26 -14.86 15.06
C LEU C 136 11.59 -15.82 14.08
N GLY C 137 11.70 -17.12 14.32
CA GLY C 137 11.11 -18.08 13.42
C GLY C 137 11.98 -18.67 12.33
N SER C 138 12.54 -17.85 11.44
CA SER C 138 13.29 -18.34 10.29
C SER C 138 14.80 -18.32 10.56
N TYR C 139 15.51 -19.31 10.01
CA TYR C 139 16.92 -19.52 10.31
C TYR C 139 17.76 -19.65 9.05
N ILE C 140 17.33 -19.05 7.95
CA ILE C 140 18.08 -19.16 6.70
C ILE C 140 19.24 -18.16 6.68
N ASN C 141 18.94 -16.88 6.89
CA ASN C 141 19.99 -15.87 6.92
C ASN C 141 20.70 -15.89 8.26
N SER C 142 22.02 -15.86 8.22
CA SER C 142 22.81 -15.98 9.43
C SER C 142 24.19 -15.38 9.22
N PHE C 143 24.66 -14.67 10.24
CA PHE C 143 26.06 -14.29 10.39
C PHE C 143 26.67 -15.24 11.40
N THR C 144 27.83 -15.79 11.08
CA THR C 144 28.57 -16.52 12.10
C THR C 144 29.18 -15.51 13.06
N ILE C 145 29.10 -15.81 14.37
CA ILE C 145 29.54 -14.88 15.41
C ILE C 145 31.03 -14.59 15.32
N SER C 146 31.83 -15.56 14.87
CA SER C 146 33.27 -15.38 14.80
C SER C 146 33.76 -14.88 13.45
N LYS C 147 32.89 -14.36 12.59
CA LYS C 147 33.31 -13.89 11.28
C LYS C 147 32.59 -12.59 10.91
N THR C 148 33.32 -11.68 10.27
CA THR C 148 32.71 -10.49 9.69
C THR C 148 32.00 -10.87 8.40
N ALA C 149 30.81 -10.34 8.21
CA ALA C 149 30.09 -10.56 6.96
C ALA C 149 29.13 -9.41 6.76
N SER C 150 28.45 -9.41 5.61
CA SER C 150 27.47 -8.38 5.31
C SER C 150 26.38 -8.96 4.43
N LYS C 151 25.15 -8.56 4.69
CA LYS C 151 23.99 -8.92 3.90
C LYS C 151 23.36 -7.63 3.39
N THR C 152 23.01 -7.61 2.11
CA THR C 152 22.41 -6.45 1.48
C THR C 152 21.00 -6.78 1.06
N PHE C 153 20.06 -5.91 1.41
CA PHE C 153 18.65 -6.13 1.15
C PHE C 153 18.12 -4.98 0.30
N ARG C 154 17.55 -5.32 -0.85
CA ARG C 154 17.03 -4.37 -1.83
C ARG C 154 15.62 -3.95 -1.46
N SER C 155 14.94 -3.25 -2.37
CA SER C 155 13.72 -2.52 -2.06
C SER C 155 12.51 -3.42 -1.90
N GLU C 156 12.33 -4.40 -2.79
CA GLU C 156 11.16 -5.25 -2.72
C GLU C 156 11.19 -6.20 -1.53
N ALA C 157 12.37 -6.44 -0.96
CA ALA C 157 12.47 -7.27 0.23
C ALA C 157 12.09 -6.50 1.49
N ILE C 158 12.44 -5.23 1.56
CA ILE C 158 12.27 -4.44 2.77
C ILE C 158 11.07 -3.51 2.68
N ASN C 159 10.14 -3.77 1.74
CA ASN C 159 8.95 -2.94 1.48
C ASN C 159 9.36 -1.51 1.10
N GLY C 160 10.28 -1.40 0.15
CA GLY C 160 10.86 -0.12 -0.17
C GLY C 160 10.55 0.41 -1.56
N LYS C 161 9.44 -0.02 -2.12
CA LYS C 161 9.04 0.45 -3.44
C LYS C 161 8.20 1.71 -3.39
N GLU C 162 7.40 1.88 -2.35
CA GLU C 162 6.46 2.98 -2.26
C GLU C 162 6.77 3.83 -1.04
N PHE C 163 6.47 5.13 -1.16
CA PHE C 163 6.54 6.02 -0.01
C PHE C 163 5.45 5.69 0.99
N GLN C 164 5.71 6.04 2.25
CA GLN C 164 4.71 5.96 3.29
C GLN C 164 4.97 7.10 4.25
N GLU C 165 4.00 7.37 5.10
CA GLU C 165 4.09 8.53 5.98
C GLU C 165 5.12 8.30 7.09
N SER C 166 5.67 9.40 7.57
CA SER C 166 6.76 9.39 8.54
C SER C 166 6.30 9.03 9.95
N THR C 167 5.02 8.75 10.15
CA THR C 167 4.50 8.35 11.43
C THR C 167 4.53 6.84 11.62
N ILE C 168 4.51 6.08 10.53
CA ILE C 168 4.47 4.63 10.57
C ILE C 168 5.82 4.06 10.19
N ASP C 169 6.12 2.88 10.76
CA ASP C 169 7.32 2.15 10.41
C ASP C 169 7.20 1.53 9.02
N GLN C 170 8.33 1.07 8.51
CA GLN C 170 8.36 0.38 7.23
C GLN C 170 8.55 -1.12 7.38
N PHE C 171 9.60 -1.53 8.08
CA PHE C 171 9.84 -2.94 8.33
C PHE C 171 10.63 -3.05 9.62
N TRP C 172 10.76 -4.28 10.11
CA TRP C 172 11.60 -4.60 11.24
C TRP C 172 12.69 -5.54 10.77
N MET C 173 13.83 -5.51 11.44
CA MET C 173 14.87 -6.51 11.22
C MET C 173 15.06 -7.23 12.54
N LEU C 174 14.52 -8.44 12.63
CA LEU C 174 14.69 -9.24 13.83
C LEU C 174 16.01 -9.96 13.78
N TYR C 175 16.63 -10.14 14.94
CA TYR C 175 17.87 -10.89 15.04
C TYR C 175 17.82 -11.74 16.30
N LYS C 176 18.42 -12.92 16.22
CA LYS C 176 18.52 -13.79 17.37
C LYS C 176 19.86 -14.51 17.34
N ALA C 177 20.63 -14.42 18.42
CA ALA C 177 22.01 -14.86 18.36
C ALA C 177 22.15 -16.38 18.45
N ASN C 178 21.31 -17.03 19.28
CA ASN C 178 21.28 -18.49 19.43
C ASN C 178 22.64 -19.09 19.81
N GLY C 179 23.33 -18.42 20.73
CA GLY C 179 24.49 -18.98 21.38
C GLY C 179 24.20 -19.18 22.85
N THR C 180 25.11 -19.88 23.52
CA THR C 180 24.85 -20.29 24.89
C THR C 180 25.23 -19.19 25.88
N THR C 181 26.44 -18.67 25.78
CA THR C 181 26.97 -17.75 26.76
C THR C 181 26.55 -16.32 26.45
N THR C 182 26.79 -15.44 27.42
CA THR C 182 26.59 -14.00 27.25
C THR C 182 27.87 -13.28 26.83
N ASP C 183 28.77 -13.97 26.15
CA ASP C 183 30.02 -13.38 25.69
C ASP C 183 29.75 -12.40 24.56
N THR C 184 30.74 -11.56 24.29
CA THR C 184 30.58 -10.55 23.25
C THR C 184 30.61 -11.19 21.88
N ALA C 185 29.69 -10.76 21.01
CA ALA C 185 29.66 -11.22 19.64
C ALA C 185 30.18 -10.19 18.66
N GLY C 186 29.70 -8.96 18.72
CA GLY C 186 30.15 -7.95 17.78
C GLY C 186 29.24 -6.74 17.72
N GLN C 187 28.99 -6.25 16.53
CA GLN C 187 28.05 -5.15 16.32
C GLN C 187 27.58 -5.18 14.89
N PHE C 188 26.43 -4.55 14.64
CA PHE C 188 25.96 -4.30 13.29
C PHE C 188 26.35 -2.90 12.87
N ILE C 189 26.85 -2.76 11.65
CA ILE C 189 27.00 -1.48 10.99
C ILE C 189 26.03 -1.48 9.83
N ILE C 190 24.97 -0.69 9.95
CA ILE C 190 23.86 -0.70 9.00
C ILE C 190 23.92 0.58 8.18
N THR C 191 23.84 0.43 6.86
CA THR C 191 23.92 1.53 5.91
C THR C 191 22.62 1.55 5.11
N MET C 192 21.73 2.49 5.40
CA MET C 192 20.45 2.55 4.74
C MET C 192 20.37 3.77 3.83
N SER C 193 19.67 3.61 2.71
CA SER C 193 19.45 4.66 1.74
C SER C 193 17.98 5.04 1.77
N VAL C 194 17.67 6.25 2.21
CA VAL C 194 16.31 6.71 2.30
C VAL C 194 16.05 7.74 1.22
N SER C 195 14.78 7.82 0.80
CA SER C 195 14.27 8.85 -0.08
C SER C 195 13.17 9.59 0.66
N LEU C 196 13.19 10.93 0.58
CA LEU C 196 12.23 11.81 1.28
C LEU C 196 11.33 12.53 0.26
N MET C 197 10.10 12.89 0.66
CA MET C 197 9.15 13.55 -0.25
C MET C 197 8.72 14.92 0.28
N THR C 198 7.42 15.21 0.24
CA THR C 198 6.85 16.52 0.68
C THR C 198 7.42 16.92 2.03
N ALA C 199 7.88 18.17 2.12
CA ALA C 199 8.44 18.68 3.37
C ALA C 199 7.33 19.00 4.37
N LYS C 200 7.75 19.20 5.62
CA LYS C 200 6.83 19.38 6.73
C LYS C 200 7.40 20.35 7.75
#